data_5W5D
#
_entry.id   5W5D
#
_cell.length_a   85.202
_cell.length_b   89.199
_cell.length_c   87.202
_cell.angle_alpha   90.000
_cell.angle_beta   90.000
_cell.angle_gamma   90.000
#
_symmetry.space_group_name_H-M   'P 21 21 2'
#
loop_
_entity.id
_entity.type
_entity.pdbx_description
1 polymer 'Vesicle-associated membrane protein 2'
2 polymer Syntaxin-1A
3 polymer 'Synaptosomal-associated protein 25'
4 polymer 'Synaptosomal-associated protein 25'
5 polymer Complexin-1
6 polymer Synaptotagmin-1
7 non-polymer 'MAGNESIUM ION'
8 water water
#
loop_
_entity_poly.entity_id
_entity_poly.type
_entity_poly.pdbx_seq_one_letter_code
_entity_poly.pdbx_strand_id
1 'polypeptide(L)' GSNRRLQQTQAQVDEVVDIMRVNVDKVLERDQKLSELDDR A
2 'polypeptide(L)' MALSEIETRHSEIIKLENSIRELHDMFMDMAMLVESQGEMIDRIEYNVEHAVDYVERAVSDTKKAVK B
3 'polypeptide(L)' MRNELEEMQRRADQLADESLESTRRMLQLVEESKDAGIRTLVMLDEQGEQLDRVEEGMNHINQDMKEAEKNLKDLGK C
4 'polypeptide(L)' MARENEMDENLEQVSGIIGNLRHMALDMGNEIDTQNRQIDRIMEKADSNKTRIDEANQRATKMLG D
5 'polypeptide(L)'
;MEFVMKQALGGATKDMGKMLGGDEEKDPDAAKKEEERQEALRQAEEERKAKYAKMEAEREVMRQGIRDKYGIKKKEEREA
EAQ
;
E
6 'polypeptide(L)'
;QEKLGDICFSLRYVPTAGKLTVVILEAKNLKKMDVGGLSDPYVKIHLMQNGKRLKKKKTTIKKNTLNPYYNESFSFEVPF
EQIQKVQVVVTVLDYDKIGKNDAIGKVFVGYNSTGAELRHWSDMLANPRRPIAQWHTLQVEEEVDAMLAVKK
;
F
#
# COMPACT_ATOMS: atom_id res chain seq x y z
N ASN A 3 5.94 0.46 -30.29
CA ASN A 3 4.52 0.61 -29.97
C ASN A 3 3.95 -0.66 -29.38
N ARG A 4 4.02 -1.77 -30.13
CA ARG A 4 3.46 -3.02 -29.65
C ARG A 4 4.22 -3.53 -28.43
N ARG A 5 5.54 -3.32 -28.40
CA ARG A 5 6.31 -3.75 -27.25
C ARG A 5 5.86 -3.04 -25.98
N LEU A 6 5.64 -1.73 -26.07
CA LEU A 6 5.20 -0.96 -24.90
C LEU A 6 3.80 -1.37 -24.46
N GLN A 7 2.89 -1.54 -25.43
CA GLN A 7 1.53 -1.96 -25.10
C GLN A 7 1.53 -3.33 -24.43
N GLN A 8 2.24 -4.29 -25.03
CA GLN A 8 2.30 -5.63 -24.47
C GLN A 8 2.87 -5.61 -23.06
N THR A 9 3.99 -4.92 -22.87
CA THR A 9 4.61 -4.88 -21.55
C THR A 9 3.66 -4.27 -20.52
N GLN A 10 2.97 -3.19 -20.90
CA GLN A 10 2.00 -2.59 -19.98
C GLN A 10 0.91 -3.59 -19.60
N ALA A 11 0.36 -4.30 -20.58
CA ALA A 11 -0.67 -5.30 -20.27
C ALA A 11 -0.15 -6.38 -19.33
N GLN A 12 1.07 -6.86 -19.57
CA GLN A 12 1.66 -7.87 -18.69
C GLN A 12 1.81 -7.34 -17.26
N VAL A 13 2.32 -6.12 -17.12
CA VAL A 13 2.44 -5.50 -15.81
C VAL A 13 1.08 -5.44 -15.13
N ASP A 14 0.06 -4.93 -15.85
CA ASP A 14 -1.27 -4.81 -15.27
C ASP A 14 -1.80 -6.16 -14.76
N GLU A 15 -1.59 -7.23 -15.52
CA GLU A 15 -2.01 -8.55 -15.07
C GLU A 15 -1.30 -8.93 -13.76
N VAL A 16 0.02 -8.77 -13.71
CA VAL A 16 0.73 -9.16 -12.50
C VAL A 16 0.31 -8.29 -11.32
N VAL A 17 -0.06 -7.03 -11.59
CA VAL A 17 -0.51 -6.14 -10.52
C VAL A 17 -1.86 -6.60 -9.98
N ASP A 18 -2.73 -7.11 -10.85
CA ASP A 18 -4.00 -7.68 -10.37
C ASP A 18 -3.74 -8.88 -9.47
N ILE A 19 -2.95 -9.85 -9.96
CA ILE A 19 -2.64 -11.04 -9.16
C ILE A 19 -2.07 -10.63 -7.82
N MET A 20 -1.07 -9.73 -7.84
CA MET A 20 -0.39 -9.36 -6.61
C MET A 20 -1.31 -8.61 -5.66
N ARG A 21 -2.25 -7.83 -6.20
CA ARG A 21 -3.24 -7.19 -5.35
C ARG A 21 -4.04 -8.23 -4.57
N VAL A 22 -4.56 -9.24 -5.28
CA VAL A 22 -5.23 -10.34 -4.60
C VAL A 22 -4.32 -10.95 -3.52
N ASN A 23 -3.06 -11.24 -3.88
CA ASN A 23 -2.16 -11.89 -2.94
C ASN A 23 -1.93 -11.04 -1.69
N VAL A 24 -1.84 -9.71 -1.87
CA VAL A 24 -1.62 -8.84 -0.72
C VAL A 24 -2.84 -8.87 0.20
N ASP A 25 -4.05 -8.90 -0.36
CA ASP A 25 -5.20 -9.07 0.50
C ASP A 25 -5.12 -10.38 1.29
N LYS A 26 -4.80 -11.48 0.59
CA LYS A 26 -4.71 -12.77 1.26
C LYS A 26 -3.68 -12.76 2.38
N VAL A 27 -2.51 -12.17 2.14
CA VAL A 27 -1.46 -12.14 3.15
C VAL A 27 -1.80 -11.17 4.28
N LEU A 28 -2.70 -10.21 4.04
CA LEU A 28 -3.16 -9.37 5.13
C LEU A 28 -4.13 -10.15 6.03
N GLU A 29 -4.99 -10.96 5.43
CA GLU A 29 -5.73 -11.94 6.23
C GLU A 29 -4.78 -12.81 7.03
N ARG A 30 -3.71 -13.28 6.40
CA ARG A 30 -2.72 -14.10 7.08
C ARG A 30 -2.10 -13.36 8.26
N ASP A 31 -1.79 -12.07 8.09
CA ASP A 31 -1.22 -11.30 9.19
C ASP A 31 -2.22 -11.17 10.32
N GLN A 32 -3.50 -10.95 10.00
CA GLN A 32 -4.52 -10.88 11.03
C GLN A 32 -4.56 -12.17 11.84
N LYS A 33 -4.74 -13.30 11.16
CA LYS A 33 -4.86 -14.59 11.84
C LYS A 33 -3.61 -14.89 12.67
N LEU A 34 -2.42 -14.67 12.11
CA LEU A 34 -1.20 -14.98 12.84
C LEU A 34 -1.00 -14.04 14.02
N SER A 35 -1.47 -12.79 13.90
CA SER A 35 -1.39 -11.86 15.02
C SER A 35 -2.33 -12.28 16.16
N GLU A 36 -3.47 -12.88 15.82
CA GLU A 36 -4.32 -13.49 16.84
C GLU A 36 -3.57 -14.57 17.61
N LEU A 37 -2.97 -15.51 16.89
CA LEU A 37 -2.29 -16.63 17.52
C LEU A 37 -0.97 -16.25 18.19
N ASP A 38 -0.46 -15.04 17.97
CA ASP A 38 0.88 -14.71 18.47
C ASP A 38 0.93 -14.78 19.99
N ASP A 39 -0.08 -14.26 20.67
CA ASP A 39 -0.16 -14.41 22.12
C ASP A 39 -1.60 -14.28 22.56
N ARG A 40 -2.14 -15.35 23.14
CA ARG A 40 -3.51 -15.35 23.64
C ARG A 40 -3.66 -16.35 24.78
N LEU B 3 7.21 14.46 -34.12
CA LEU B 3 7.39 15.14 -32.84
C LEU B 3 6.37 14.68 -31.80
N SER B 4 5.12 14.52 -32.21
CA SER B 4 4.08 14.11 -31.27
C SER B 4 4.26 12.66 -30.83
N GLU B 5 4.77 11.80 -31.72
CA GLU B 5 5.08 10.42 -31.37
C GLU B 5 5.95 10.34 -30.13
N ILE B 6 6.90 11.27 -30.00
CA ILE B 6 7.84 11.23 -28.89
C ILE B 6 7.22 11.78 -27.61
N GLU B 7 6.36 12.79 -27.72
CA GLU B 7 5.67 13.28 -26.53
C GLU B 7 4.76 12.18 -25.96
N THR B 8 3.85 11.67 -26.80
CA THR B 8 2.93 10.64 -26.33
C THR B 8 3.68 9.41 -25.86
N ARG B 9 4.76 9.03 -26.55
CA ARG B 9 5.47 7.83 -26.15
C ARG B 9 6.22 8.03 -24.84
N HIS B 10 6.81 9.22 -24.63
CA HIS B 10 7.39 9.50 -23.33
C HIS B 10 6.34 9.34 -22.23
N SER B 11 5.12 9.81 -22.50
CA SER B 11 4.05 9.69 -21.52
C SER B 11 3.75 8.22 -21.21
N GLU B 12 3.57 7.38 -22.23
CA GLU B 12 3.22 6.00 -21.94
C GLU B 12 4.41 5.18 -21.44
N ILE B 13 5.63 5.60 -21.76
CA ILE B 13 6.82 4.97 -21.20
C ILE B 13 6.87 5.19 -19.71
N ILE B 14 6.78 6.45 -19.27
CA ILE B 14 6.84 6.68 -17.83
C ILE B 14 5.56 6.15 -17.17
N LYS B 15 4.46 6.01 -17.92
CA LYS B 15 3.32 5.30 -17.36
C LYS B 15 3.67 3.84 -17.07
N LEU B 16 4.38 3.18 -18.00
CA LEU B 16 4.85 1.84 -17.73
C LEU B 16 5.78 1.81 -16.52
N GLU B 17 6.66 2.81 -16.40
CA GLU B 17 7.57 2.85 -15.27
C GLU B 17 6.82 3.00 -13.95
N ASN B 18 5.80 3.86 -13.92
CA ASN B 18 5.00 4.03 -12.72
C ASN B 18 4.27 2.74 -12.35
N SER B 19 3.69 2.07 -13.35
CA SER B 19 3.04 0.79 -13.11
C SER B 19 4.02 -0.22 -12.52
N ILE B 20 5.24 -0.28 -13.10
CA ILE B 20 6.25 -1.22 -12.62
C ILE B 20 6.70 -0.85 -11.22
N ARG B 21 6.73 0.44 -10.89
CA ARG B 21 7.11 0.85 -9.54
C ARG B 21 6.04 0.47 -8.53
N GLU B 22 4.77 0.54 -8.92
CA GLU B 22 3.72 0.05 -8.02
C GLU B 22 3.83 -1.45 -7.82
N LEU B 23 4.03 -2.20 -8.90
CA LEU B 23 4.24 -3.65 -8.76
C LEU B 23 5.42 -3.95 -7.84
N HIS B 24 6.52 -3.23 -8.04
CA HIS B 24 7.69 -3.36 -7.18
C HIS B 24 7.33 -3.12 -5.72
N ASP B 25 6.56 -2.07 -5.45
CA ASP B 25 6.14 -1.80 -4.08
C ASP B 25 5.33 -2.96 -3.53
N MET B 26 4.46 -3.55 -4.35
CA MET B 26 3.68 -4.69 -3.90
C MET B 26 4.59 -5.85 -3.51
N PHE B 27 5.60 -6.14 -4.32
CA PHE B 27 6.52 -7.23 -3.96
C PHE B 27 7.27 -6.91 -2.66
N MET B 28 7.72 -5.66 -2.51
CA MET B 28 8.47 -5.29 -1.31
C MET B 28 7.59 -5.41 -0.06
N ASP B 29 6.35 -4.94 -0.13
CA ASP B 29 5.45 -5.04 1.01
C ASP B 29 5.10 -6.49 1.31
N MET B 30 4.92 -7.30 0.26
CA MET B 30 4.74 -8.73 0.46
C MET B 30 5.89 -9.33 1.27
N ALA B 31 7.13 -9.04 0.87
CA ALA B 31 8.29 -9.59 1.58
C ALA B 31 8.35 -9.09 3.02
N MET B 32 8.04 -7.81 3.23
CA MET B 32 8.05 -7.25 4.59
C MET B 32 7.03 -7.96 5.48
N LEU B 33 5.77 -8.03 5.01
CA LEU B 33 4.72 -8.66 5.79
C LEU B 33 5.06 -10.11 6.10
N VAL B 34 5.47 -10.87 5.08
CA VAL B 34 5.79 -12.28 5.29
C VAL B 34 6.92 -12.43 6.29
N GLU B 35 7.90 -11.53 6.26
CA GLU B 35 8.96 -11.57 7.27
C GLU B 35 8.38 -11.41 8.68
N SER B 36 7.60 -10.35 8.90
CA SER B 36 6.98 -10.12 10.20
C SER B 36 6.20 -11.36 10.67
N GLN B 37 5.35 -11.88 9.79
CA GLN B 37 4.60 -13.08 10.12
C GLN B 37 5.51 -14.26 10.40
N GLY B 38 6.74 -14.24 9.86
CA GLY B 38 7.70 -15.28 10.19
C GLY B 38 8.17 -15.16 11.63
N GLU B 39 8.45 -13.94 12.09
CA GLU B 39 8.72 -13.75 13.51
C GLU B 39 7.55 -14.23 14.36
N MET B 40 6.33 -13.87 13.96
CA MET B 40 5.13 -14.32 14.66
C MET B 40 5.10 -15.84 14.77
N ILE B 41 5.34 -16.53 13.66
CA ILE B 41 5.23 -17.99 13.65
C ILE B 41 6.33 -18.61 14.49
N ASP B 42 7.52 -18.00 14.50
CA ASP B 42 8.55 -18.42 15.44
C ASP B 42 8.00 -18.42 16.87
N ARG B 43 7.48 -17.27 17.31
CA ARG B 43 6.95 -17.19 18.68
C ARG B 43 5.84 -18.20 18.92
N ILE B 44 4.93 -18.37 17.96
CA ILE B 44 3.80 -19.28 18.13
C ILE B 44 4.29 -20.70 18.33
N GLU B 45 5.23 -21.11 17.49
CA GLU B 45 5.69 -22.48 17.54
C GLU B 45 6.53 -22.77 18.78
N TYR B 46 7.29 -21.79 19.26
CA TYR B 46 7.95 -21.99 20.54
C TYR B 46 6.93 -22.05 21.67
N ASN B 47 5.83 -21.31 21.54
CA ASN B 47 4.74 -21.43 22.51
C ASN B 47 4.24 -22.85 22.59
N VAL B 48 3.82 -23.40 21.44
CA VAL B 48 3.15 -24.71 21.47
C VAL B 48 4.12 -25.88 21.53
N GLU B 49 5.44 -25.64 21.38
CA GLU B 49 6.39 -26.72 21.67
C GLU B 49 6.90 -26.66 23.10
N HIS B 50 7.01 -25.46 23.68
CA HIS B 50 7.16 -25.31 25.12
C HIS B 50 5.88 -25.65 25.87
N ALA B 51 4.79 -25.93 25.16
CA ALA B 51 3.59 -26.51 25.75
C ALA B 51 3.41 -27.98 25.43
N VAL B 52 3.81 -28.44 24.25
CA VAL B 52 3.72 -29.87 23.94
C VAL B 52 4.79 -30.64 24.71
N ASP B 53 5.92 -29.99 25.03
CA ASP B 53 6.85 -30.57 25.99
C ASP B 53 6.36 -30.45 27.42
N TYR B 54 5.34 -29.60 27.65
CA TYR B 54 4.74 -29.45 28.97
C TYR B 54 3.66 -30.51 29.21
N VAL B 55 3.01 -30.98 28.14
CA VAL B 55 2.03 -32.06 28.28
C VAL B 55 2.66 -33.45 28.15
N GLU B 56 3.84 -33.55 27.57
CA GLU B 56 4.49 -34.84 27.37
C GLU B 56 5.57 -35.07 28.42
N LEU C 5 12.61 24.57 -34.07
CA LEU C 5 13.77 25.44 -34.17
C LEU C 5 14.92 24.92 -33.33
N GLU C 6 15.61 25.83 -32.64
CA GLU C 6 16.75 25.44 -31.81
C GLU C 6 16.30 24.77 -30.52
N GLU C 7 15.23 25.28 -29.91
CA GLU C 7 14.79 24.72 -28.63
C GLU C 7 14.10 23.37 -28.81
N MET C 8 13.38 23.20 -29.92
CA MET C 8 12.61 21.97 -30.13
C MET C 8 13.52 20.74 -30.18
N GLN C 9 14.64 20.83 -30.91
CA GLN C 9 15.56 19.71 -31.00
C GLN C 9 16.17 19.39 -29.63
N ARG C 10 16.53 20.42 -28.87
CA ARG C 10 17.11 20.21 -27.55
C ARG C 10 16.12 19.48 -26.64
N ARG C 11 14.89 19.99 -26.54
CA ARG C 11 13.88 19.33 -25.73
C ARG C 11 13.61 17.91 -26.22
N ALA C 12 13.69 17.69 -27.53
CA ALA C 12 13.49 16.34 -28.07
C ALA C 12 14.57 15.38 -27.57
N ASP C 13 15.84 15.75 -27.73
CA ASP C 13 16.92 14.92 -27.21
C ASP C 13 16.77 14.70 -25.71
N GLN C 14 16.28 15.71 -24.99
CA GLN C 14 16.04 15.58 -23.56
C GLN C 14 15.04 14.47 -23.27
N LEU C 15 13.87 14.52 -23.93
CA LEU C 15 12.85 13.51 -23.69
C LEU C 15 13.34 12.11 -24.08
N ALA C 16 14.12 12.02 -25.15
CA ALA C 16 14.69 10.73 -25.54
C ALA C 16 15.58 10.17 -24.43
N ASP C 17 16.51 10.99 -23.94
CA ASP C 17 17.41 10.55 -22.87
C ASP C 17 16.62 10.09 -21.65
N GLU C 18 15.60 10.86 -21.26
CA GLU C 18 14.81 10.47 -20.10
C GLU C 18 14.04 9.18 -20.36
N SER C 19 13.65 8.91 -21.61
CA SER C 19 12.97 7.66 -21.92
C SER C 19 13.91 6.46 -21.73
N LEU C 20 15.10 6.54 -22.32
CA LEU C 20 16.07 5.46 -22.14
C LEU C 20 16.36 5.22 -20.66
N GLU C 21 16.65 6.30 -19.93
CA GLU C 21 16.88 6.17 -18.49
C GLU C 21 15.67 5.56 -17.80
N SER C 22 14.46 5.82 -18.31
CA SER C 22 13.28 5.22 -17.73
C SER C 22 13.27 3.70 -17.91
N THR C 23 13.63 3.21 -19.09
CA THR C 23 13.72 1.77 -19.26
C THR C 23 14.78 1.16 -18.34
N ARG C 24 15.90 1.86 -18.15
CA ARG C 24 16.91 1.34 -17.22
C ARG C 24 16.35 1.25 -15.80
N ARG C 25 15.61 2.27 -15.37
CA ARG C 25 14.98 2.21 -14.05
C ARG C 25 13.98 1.05 -13.97
N MET C 26 13.26 0.79 -15.07
CA MET C 26 12.38 -0.37 -15.10
C MET C 26 13.15 -1.65 -14.87
N LEU C 27 14.31 -1.79 -15.53
CA LEU C 27 15.13 -2.98 -15.35
C LEU C 27 15.52 -3.17 -13.90
N GLN C 28 16.02 -2.11 -13.27
CA GLN C 28 16.38 -2.22 -11.85
C GLN C 28 15.17 -2.63 -11.01
N LEU C 29 14.02 -2.01 -11.27
CA LEU C 29 12.83 -2.24 -10.44
C LEU C 29 12.33 -3.67 -10.56
N VAL C 30 12.33 -4.23 -11.77
CA VAL C 30 11.87 -5.61 -11.91
C VAL C 30 12.90 -6.59 -11.35
N GLU C 31 14.20 -6.28 -11.45
CA GLU C 31 15.18 -7.13 -10.79
C GLU C 31 14.92 -7.19 -9.28
N GLU C 32 14.79 -6.03 -8.64
CA GLU C 32 14.58 -6.02 -7.20
C GLU C 32 13.24 -6.67 -6.82
N SER C 33 12.23 -6.53 -7.69
CA SER C 33 10.97 -7.24 -7.47
C SER C 33 11.19 -8.74 -7.49
N LYS C 34 11.95 -9.23 -8.48
CA LYS C 34 12.19 -10.66 -8.59
C LYS C 34 12.90 -11.20 -7.35
N ASP C 35 13.92 -10.48 -6.88
CA ASP C 35 14.59 -10.91 -5.65
C ASP C 35 13.63 -10.94 -4.48
N ALA C 36 12.78 -9.91 -4.35
CA ALA C 36 11.83 -9.89 -3.25
C ALA C 36 10.87 -11.06 -3.31
N GLY C 37 10.38 -11.39 -4.51
CA GLY C 37 9.44 -12.49 -4.63
C GLY C 37 10.07 -13.84 -4.32
N ILE C 38 11.31 -14.05 -4.79
CA ILE C 38 12.03 -15.28 -4.44
C ILE C 38 12.15 -15.41 -2.92
N ARG C 39 12.67 -14.36 -2.27
CA ARG C 39 12.78 -14.39 -0.81
C ARG C 39 11.44 -14.70 -0.16
N THR C 40 10.36 -14.11 -0.68
CA THR C 40 9.02 -14.37 -0.15
C THR C 40 8.67 -15.86 -0.25
N LEU C 41 8.96 -16.47 -1.40
CA LEU C 41 8.65 -17.89 -1.57
C LEU C 41 9.44 -18.77 -0.62
N VAL C 42 10.74 -18.50 -0.48
CA VAL C 42 11.55 -19.27 0.46
C VAL C 42 10.98 -19.16 1.87
N MET C 43 10.63 -17.94 2.28
CA MET C 43 10.07 -17.74 3.61
C MET C 43 8.75 -18.50 3.77
N LEU C 44 7.94 -18.54 2.70
CA LEU C 44 6.69 -19.27 2.80
C LEU C 44 6.92 -20.77 2.91
N ASP C 45 8.01 -21.26 2.33
CA ASP C 45 8.40 -22.66 2.53
C ASP C 45 8.72 -22.93 4.00
N GLU C 46 9.67 -22.16 4.54
CA GLU C 46 10.06 -22.34 5.94
C GLU C 46 8.85 -22.27 6.87
N GLN C 47 8.06 -21.20 6.74
CA GLN C 47 6.91 -21.00 7.61
C GLN C 47 5.87 -22.09 7.40
N GLY C 48 5.74 -22.60 6.16
CA GLY C 48 4.82 -23.71 5.94
C GLY C 48 5.18 -24.93 6.75
N GLU C 49 6.47 -25.29 6.76
CA GLU C 49 6.90 -26.42 7.59
C GLU C 49 6.65 -26.14 9.07
N GLN C 50 7.00 -24.94 9.52
CA GLN C 50 6.70 -24.54 10.90
C GLN C 50 5.21 -24.72 11.21
N LEU C 51 4.34 -24.38 10.27
CA LEU C 51 2.90 -24.49 10.49
C LEU C 51 2.47 -25.94 10.58
N ASP C 52 3.05 -26.81 9.74
CA ASP C 52 2.79 -28.24 9.85
C ASP C 52 3.09 -28.73 11.26
N ARG C 53 4.25 -28.34 11.82
CA ARG C 53 4.60 -28.81 13.15
C ARG C 53 3.79 -28.16 14.25
N VAL C 54 3.27 -26.95 14.03
CA VAL C 54 2.36 -26.34 15.00
C VAL C 54 1.06 -27.14 15.04
N GLU C 55 0.48 -27.43 13.87
CA GLU C 55 -0.72 -28.23 13.80
C GLU C 55 -0.54 -29.57 14.51
N GLU C 56 0.52 -30.30 14.14
CA GLU C 56 0.80 -31.58 14.80
C GLU C 56 0.89 -31.42 16.31
N GLY C 57 1.58 -30.38 16.76
CA GLY C 57 1.74 -30.18 18.20
C GLY C 57 0.41 -30.00 18.91
N MET C 58 -0.43 -29.10 18.38
CA MET C 58 -1.71 -28.85 19.05
C MET C 58 -2.61 -30.08 19.02
N ASN C 59 -2.60 -30.83 17.90
CA ASN C 59 -3.39 -32.06 17.87
C ASN C 59 -2.88 -33.08 18.89
N HIS C 60 -1.57 -33.09 19.14
CA HIS C 60 -1.04 -33.98 20.18
C HIS C 60 -1.48 -33.52 21.57
N ILE C 61 -1.44 -32.22 21.82
CA ILE C 61 -1.84 -31.72 23.13
C ILE C 61 -3.32 -32.00 23.39
N ASN C 62 -4.18 -31.80 22.40
CA ASN C 62 -5.60 -32.10 22.58
C ASN C 62 -5.91 -33.58 22.55
N GLN C 63 -5.02 -34.40 21.99
CA GLN C 63 -5.17 -35.86 22.13
C GLN C 63 -4.75 -36.33 23.52
N ASP C 64 -3.79 -35.64 24.15
CA ASP C 64 -3.37 -36.02 25.49
C ASP C 64 -4.43 -35.66 26.54
N MET C 65 -5.16 -34.58 26.32
CA MET C 65 -6.21 -34.17 27.24
C MET C 65 -7.41 -35.10 27.16
N ARG D 3 20.46 4.41 -30.71
CA ARG D 3 20.07 5.33 -29.65
C ARG D 3 18.71 4.93 -29.08
N GLU D 4 17.91 4.27 -29.91
CA GLU D 4 16.62 3.75 -29.49
C GLU D 4 16.53 2.23 -29.58
N ASN D 5 17.55 1.55 -30.10
CA ASN D 5 17.56 0.09 -30.07
C ASN D 5 17.75 -0.43 -28.66
N GLU D 6 18.66 0.19 -27.90
CA GLU D 6 18.90 -0.18 -26.51
C GLU D 6 17.61 -0.11 -25.70
N MET D 7 16.75 0.87 -26.00
CA MET D 7 15.51 1.05 -25.26
C MET D 7 14.57 -0.13 -25.46
N ASP D 8 14.41 -0.60 -26.71
CA ASP D 8 13.54 -1.73 -26.96
C ASP D 8 14.17 -3.04 -26.48
N GLU D 9 15.51 -3.11 -26.45
CA GLU D 9 16.14 -4.27 -25.81
C GLU D 9 15.81 -4.32 -24.33
N ASN D 10 15.89 -3.17 -23.65
CA ASN D 10 15.50 -3.12 -22.24
C ASN D 10 14.05 -3.51 -22.07
N LEU D 11 13.18 -3.03 -22.97
CA LEU D 11 11.76 -3.40 -22.89
C LEU D 11 11.58 -4.91 -23.04
N GLU D 12 12.38 -5.52 -23.92
CA GLU D 12 12.31 -6.97 -24.11
C GLU D 12 12.67 -7.70 -22.82
N GLN D 13 13.82 -7.36 -22.22
CA GLN D 13 14.22 -7.98 -20.96
C GLN D 13 13.13 -7.82 -19.90
N VAL D 14 12.63 -6.59 -19.75
CA VAL D 14 11.59 -6.33 -18.76
C VAL D 14 10.39 -7.24 -19.00
N SER D 15 9.99 -7.40 -20.27
CA SER D 15 8.88 -8.28 -20.59
C SER D 15 9.12 -9.70 -20.08
N GLY D 16 10.30 -10.26 -20.37
CA GLY D 16 10.58 -11.61 -19.88
C GLY D 16 10.48 -11.72 -18.37
N ILE D 17 11.13 -10.78 -17.66
CA ILE D 17 11.10 -10.83 -16.20
C ILE D 17 9.67 -10.72 -15.70
N ILE D 18 8.84 -9.92 -16.37
CA ILE D 18 7.43 -9.81 -15.99
C ILE D 18 6.73 -11.16 -16.10
N GLY D 19 6.99 -11.90 -17.18
CA GLY D 19 6.44 -13.26 -17.24
C GLY D 19 6.81 -14.10 -16.03
N ASN D 20 8.10 -14.06 -15.65
CA ASN D 20 8.51 -14.81 -14.47
C ASN D 20 7.81 -14.32 -13.21
N LEU D 21 7.61 -13.01 -13.08
CA LEU D 21 6.91 -12.46 -11.92
C LEU D 21 5.45 -12.88 -11.88
N ARG D 22 4.83 -13.02 -13.06
CA ARG D 22 3.48 -13.56 -13.15
C ARG D 22 3.40 -14.93 -12.49
N HIS D 23 4.26 -15.85 -12.97
N HIS D 23 4.27 -15.85 -12.88
CA HIS D 23 4.32 -17.20 -12.42
CA HIS D 23 4.12 -17.20 -12.32
C HIS D 23 4.53 -17.17 -10.91
C HIS D 23 4.58 -17.26 -10.86
N MET D 24 5.52 -16.40 -10.46
CA MET D 24 5.83 -16.29 -9.04
C MET D 24 4.60 -15.84 -8.23
N ALA D 25 3.87 -14.84 -8.75
CA ALA D 25 2.70 -14.34 -8.03
C ALA D 25 1.61 -15.40 -7.94
N LEU D 26 1.42 -16.18 -9.01
CA LEU D 26 0.47 -17.29 -8.94
C LEU D 26 0.90 -18.30 -7.88
N ASP D 27 2.17 -18.72 -7.90
CA ASP D 27 2.65 -19.70 -6.91
C ASP D 27 2.41 -19.20 -5.48
N MET D 28 2.85 -17.98 -5.18
CA MET D 28 2.72 -17.50 -3.82
C MET D 28 1.26 -17.29 -3.43
N GLY D 29 0.40 -16.97 -4.40
CA GLY D 29 -1.02 -16.91 -4.12
C GLY D 29 -1.58 -18.26 -3.68
N ASN D 30 -1.28 -19.30 -4.44
CA ASN D 30 -1.77 -20.64 -4.07
C ASN D 30 -1.24 -21.05 -2.70
N GLU D 31 0.04 -20.81 -2.43
CA GLU D 31 0.59 -21.21 -1.14
C GLU D 31 -0.04 -20.42 0.00
N ILE D 32 -0.28 -19.12 -0.20
CA ILE D 32 -0.94 -18.33 0.84
C ILE D 32 -2.35 -18.85 1.10
N ASP D 33 -3.06 -19.27 0.06
CA ASP D 33 -4.39 -19.85 0.27
C ASP D 33 -4.31 -21.09 1.15
N THR D 34 -3.52 -22.08 0.71
CA THR D 34 -3.41 -23.33 1.47
C THR D 34 -3.03 -23.07 2.92
N GLN D 35 -1.99 -22.25 3.14
CA GLN D 35 -1.57 -21.98 4.50
C GLN D 35 -2.62 -21.17 5.26
N ASN D 36 -3.46 -20.41 4.54
CA ASN D 36 -4.52 -19.66 5.21
C ASN D 36 -5.51 -20.60 5.85
N ARG D 37 -6.00 -21.59 5.09
CA ARG D 37 -6.94 -22.50 5.74
C ARG D 37 -6.24 -23.47 6.69
N GLN D 38 -4.93 -23.71 6.53
CA GLN D 38 -4.20 -24.44 7.57
C GLN D 38 -4.19 -23.66 8.88
N ILE D 39 -3.91 -22.36 8.81
CA ILE D 39 -3.96 -21.52 10.01
C ILE D 39 -5.37 -21.47 10.58
N ASP D 40 -6.39 -21.55 9.72
CA ASP D 40 -7.75 -21.69 10.22
C ASP D 40 -7.89 -22.94 11.08
N ARG D 41 -7.43 -24.10 10.56
CA ARG D 41 -7.47 -25.32 11.36
C ARG D 41 -6.74 -25.14 12.69
N ILE D 42 -5.56 -24.50 12.65
CA ILE D 42 -4.77 -24.31 13.86
C ILE D 42 -5.54 -23.47 14.88
N MET D 43 -6.25 -22.45 14.41
CA MET D 43 -7.04 -21.64 15.34
C MET D 43 -8.22 -22.43 15.90
N GLU D 44 -8.82 -23.32 15.10
CA GLU D 44 -9.89 -24.16 15.61
C GLU D 44 -9.38 -25.07 16.72
N LYS D 45 -8.23 -25.71 16.51
CA LYS D 45 -7.69 -26.59 17.55
C LYS D 45 -7.24 -25.82 18.78
N ALA D 46 -6.69 -24.62 18.58
CA ALA D 46 -6.27 -23.79 19.72
C ALA D 46 -7.46 -23.37 20.55
N ASP D 47 -8.55 -22.96 19.90
CA ASP D 47 -9.77 -22.62 20.63
C ASP D 47 -10.37 -23.86 21.29
N SER D 48 -10.20 -25.03 20.68
CA SER D 48 -10.68 -26.27 21.31
C SER D 48 -9.94 -26.54 22.62
N ASN D 49 -8.60 -26.43 22.59
CA ASN D 49 -7.84 -26.56 23.83
C ASN D 49 -8.19 -25.46 24.82
N LYS D 50 -8.53 -24.26 24.33
CA LYS D 50 -8.81 -23.14 25.22
C LYS D 50 -10.13 -23.33 25.95
N THR D 51 -11.18 -23.79 25.24
CA THR D 51 -12.46 -24.03 25.90
C THR D 51 -12.40 -25.29 26.76
N ARG D 52 -11.71 -26.33 26.29
CA ARG D 52 -11.64 -27.56 27.07
C ARG D 52 -10.81 -27.37 28.33
N ILE D 53 -9.83 -26.46 28.31
CA ILE D 53 -9.17 -26.07 29.55
C ILE D 53 -10.07 -25.15 30.38
N ASP D 54 -10.81 -24.26 29.70
CA ASP D 54 -11.62 -23.28 30.40
C ASP D 54 -12.77 -23.90 31.17
N GLU D 55 -13.24 -25.08 30.73
CA GLU D 55 -14.34 -25.74 31.43
C GLU D 55 -13.89 -26.43 32.70
N ALA D 56 -12.64 -26.90 32.74
CA ALA D 56 -12.11 -27.56 33.92
C ALA D 56 -10.74 -27.02 34.30
N LYS E 32 2.86 -23.52 55.53
CA LYS E 32 2.42 -22.29 56.16
C LYS E 32 0.91 -22.30 56.39
N LYS E 33 0.46 -21.50 57.36
CA LYS E 33 -0.97 -21.38 57.63
C LYS E 33 -1.69 -20.52 56.60
N GLU E 34 -0.98 -19.67 55.88
CA GLU E 34 -1.52 -18.87 54.79
C GLU E 34 -0.85 -19.26 53.48
N GLU E 35 -0.72 -20.56 53.24
CA GLU E 35 -0.05 -21.07 52.05
C GLU E 35 -0.79 -20.72 50.76
N GLU E 36 -2.04 -20.28 50.84
CA GLU E 36 -2.77 -19.81 49.67
C GLU E 36 -2.20 -18.47 49.22
N ARG E 37 -0.98 -18.48 48.67
CA ARG E 37 -0.34 -17.25 48.24
C ARG E 37 -1.09 -16.66 47.05
N GLN E 38 -1.17 -15.34 47.03
CA GLN E 38 -1.91 -14.63 45.99
C GLN E 38 -1.16 -14.74 44.67
N GLU E 39 -1.57 -15.69 43.83
CA GLU E 39 -1.01 -15.86 42.50
C GLU E 39 -1.39 -14.64 41.66
N ALA E 40 -0.49 -13.66 41.59
CA ALA E 40 -0.77 -12.39 40.93
C ALA E 40 -0.55 -12.45 39.42
N LEU E 41 -0.40 -13.64 38.84
CA LEU E 41 -0.23 -13.73 37.39
C LEU E 41 -1.37 -13.09 36.62
N ARG E 42 -2.54 -12.94 37.25
CA ARG E 42 -3.67 -12.30 36.61
C ARG E 42 -3.35 -10.85 36.24
N GLN E 43 -2.61 -10.15 37.10
CA GLN E 43 -2.21 -8.79 36.75
C GLN E 43 -0.96 -8.75 35.87
N ALA E 44 -0.35 -9.90 35.60
CA ALA E 44 0.75 -9.97 34.65
C ALA E 44 0.27 -10.34 33.26
N GLU E 45 -0.73 -11.22 33.16
CA GLU E 45 -1.34 -11.57 31.89
C GLU E 45 -2.38 -10.54 31.44
N GLU E 46 -2.69 -9.55 32.27
CA GLU E 46 -3.60 -8.47 31.90
C GLU E 46 -2.86 -7.17 31.60
N GLU E 47 -1.84 -6.82 32.37
CA GLU E 47 -1.00 -5.68 32.02
C GLU E 47 -0.20 -5.93 30.75
N ARG E 48 -0.06 -7.20 30.34
CA ARG E 48 0.60 -7.54 29.09
C ARG E 48 -0.40 -7.63 27.94
N LYS E 49 -1.49 -8.41 28.13
CA LYS E 49 -2.53 -8.49 27.11
C LYS E 49 -3.15 -7.12 26.81
N ALA E 50 -2.99 -6.16 27.71
CA ALA E 50 -3.34 -4.77 27.39
C ALA E 50 -2.40 -4.22 26.32
N LYS E 51 -1.10 -4.24 26.59
CA LYS E 51 -0.14 -3.82 25.57
C LYS E 51 -0.27 -4.66 24.31
N TYR E 52 -0.43 -5.98 24.48
CA TYR E 52 -0.60 -6.87 23.34
C TYR E 52 -1.83 -6.51 22.51
N ALA E 53 -2.74 -5.70 23.04
CA ALA E 53 -3.85 -5.18 22.25
C ALA E 53 -3.53 -3.83 21.63
N LYS E 54 -2.84 -2.96 22.37
CA LYS E 54 -2.48 -1.65 21.85
C LYS E 54 -1.62 -1.78 20.60
N MET E 55 -0.50 -2.52 20.73
CA MET E 55 0.35 -2.80 19.58
C MET E 55 -0.46 -3.38 18.42
N GLU E 56 -1.56 -4.07 18.72
CA GLU E 56 -2.40 -4.63 17.67
C GLU E 56 -3.11 -3.52 16.90
N ALA E 57 -3.76 -2.59 17.62
CA ALA E 57 -4.48 -1.51 16.97
C ALA E 57 -3.60 -0.78 15.97
N GLU E 58 -2.44 -0.30 16.46
CA GLU E 58 -1.46 0.34 15.58
C GLU E 58 -1.21 -0.51 14.33
N ARG E 59 -0.96 -1.81 14.51
CA ARG E 59 -0.66 -2.65 13.36
C ARG E 59 -1.80 -2.65 12.36
N GLU E 60 -3.05 -2.74 12.84
CA GLU E 60 -4.17 -2.71 11.91
C GLU E 60 -4.18 -1.43 11.10
N VAL E 61 -3.81 -0.30 11.72
CA VAL E 61 -3.63 0.93 10.96
C VAL E 61 -2.70 0.69 9.78
N MET E 62 -1.49 0.18 10.06
CA MET E 62 -0.55 -0.19 9.02
C MET E 62 -1.22 -1.07 7.96
N ARG E 63 -1.97 -2.07 8.41
CA ARG E 63 -2.63 -2.97 7.47
C ARG E 63 -3.58 -2.20 6.57
N GLN E 64 -4.43 -1.34 7.17
CA GLN E 64 -5.30 -0.51 6.37
C GLN E 64 -4.49 0.40 5.46
N GLY E 65 -3.37 0.93 5.96
CA GLY E 65 -2.49 1.71 5.13
C GLY E 65 -2.10 0.99 3.86
N ILE E 66 -1.87 -0.32 3.95
CA ILE E 66 -1.56 -1.11 2.75
C ILE E 66 -2.80 -1.20 1.87
N ARG E 67 -3.94 -1.60 2.46
CA ARG E 67 -5.15 -1.81 1.67
C ARG E 67 -5.53 -0.56 0.89
N ASP E 68 -5.50 0.60 1.55
CA ASP E 68 -5.82 1.84 0.87
C ASP E 68 -4.83 2.14 -0.25
N LYS E 69 -3.55 1.91 0.01
CA LYS E 69 -2.50 2.34 -0.92
C LYS E 69 -2.69 1.69 -2.28
N TYR E 70 -3.05 0.40 -2.31
CA TYR E 70 -3.24 -0.32 -3.55
C TYR E 70 -4.71 -0.43 -3.96
N GLY E 71 -5.63 0.05 -3.13
CA GLY E 71 -7.03 0.06 -3.49
C GLY E 71 -7.75 -1.24 -3.23
N ILE E 72 -7.50 -1.87 -2.09
CA ILE E 72 -8.03 -3.19 -1.80
C ILE E 72 -9.20 -3.05 -0.84
N LYS E 73 -10.37 -3.54 -1.26
CA LYS E 73 -11.51 -3.64 -0.36
C LYS E 73 -11.37 -4.90 0.48
N LYS E 74 -11.46 -4.76 1.81
CA LYS E 74 -11.38 -5.90 2.69
C LYS E 74 -12.57 -6.83 2.46
N LYS E 75 -12.45 -8.04 3.01
CA LYS E 75 -13.47 -9.07 2.79
C LYS E 75 -14.86 -8.64 3.24
N GLU E 76 -14.95 -7.70 4.18
CA GLU E 76 -16.25 -7.26 4.67
C GLU E 76 -17.10 -6.65 3.57
N GLU E 77 -16.48 -5.98 2.60
CA GLU E 77 -17.21 -5.35 1.52
C GLU E 77 -17.57 -6.37 0.44
N ARG E 78 -18.85 -6.40 0.06
CA ARG E 78 -19.37 -7.32 -0.96
C ARG E 78 -19.02 -8.77 -0.67
N GLN F 1 -16.94 3.10 12.21
CA GLN F 1 -16.68 3.70 10.90
C GLN F 1 -15.17 3.69 10.60
N GLU F 2 -14.43 4.51 11.34
CA GLU F 2 -12.97 4.55 11.28
C GLU F 2 -12.44 5.05 9.93
N LYS F 3 -13.33 5.36 8.99
CA LYS F 3 -12.92 5.89 7.71
C LYS F 3 -12.80 7.41 7.77
N LEU F 4 -11.96 7.95 6.88
CA LEU F 4 -11.63 9.36 6.91
C LEU F 4 -12.49 10.21 6.00
N GLY F 5 -13.03 9.63 4.94
CA GLY F 5 -13.76 10.36 3.93
C GLY F 5 -13.09 10.28 2.58
N ASP F 6 -13.79 10.83 1.59
CA ASP F 6 -13.33 10.81 0.21
C ASP F 6 -13.27 12.22 -0.32
N ILE F 7 -12.32 12.48 -1.22
CA ILE F 7 -12.20 13.75 -1.89
C ILE F 7 -12.27 13.51 -3.40
N CYS F 8 -13.11 14.29 -4.07
CA CYS F 8 -13.20 14.29 -5.51
C CYS F 8 -12.52 15.54 -6.04
N PHE F 9 -11.62 15.34 -7.00
CA PHE F 9 -10.93 16.46 -7.63
C PHE F 9 -10.55 16.06 -9.05
N SER F 10 -10.22 17.06 -9.87
CA SER F 10 -9.90 16.85 -11.26
C SER F 10 -8.45 17.24 -11.55
N LEU F 11 -7.87 16.59 -12.56
CA LEU F 11 -6.49 16.79 -12.95
C LEU F 11 -6.44 17.13 -14.43
N ARG F 12 -5.53 18.04 -14.80
CA ARG F 12 -5.41 18.52 -16.16
C ARG F 12 -3.96 18.90 -16.40
N TYR F 13 -3.41 18.47 -17.55
CA TYR F 13 -2.05 18.85 -17.89
C TYR F 13 -1.96 19.19 -19.36
N VAL F 14 -1.25 20.28 -19.65
CA VAL F 14 -1.02 20.75 -21.00
C VAL F 14 0.48 20.70 -21.27
N PRO F 15 0.96 19.68 -22.00
CA PRO F 15 2.42 19.51 -22.14
C PRO F 15 3.11 20.68 -22.84
N THR F 16 2.50 21.25 -23.88
CA THR F 16 3.14 22.35 -24.60
C THR F 16 3.36 23.54 -23.68
N ALA F 17 2.30 23.99 -23.02
CA ALA F 17 2.43 25.12 -22.11
C ALA F 17 3.06 24.73 -20.77
N GLY F 18 3.09 23.44 -20.46
CA GLY F 18 3.61 23.00 -19.18
C GLY F 18 2.80 23.51 -18.02
N LYS F 19 1.48 23.39 -18.11
CA LYS F 19 0.55 23.89 -17.10
C LYS F 19 -0.21 22.71 -16.51
N LEU F 20 -0.18 22.60 -15.18
CA LEU F 20 -0.89 21.56 -14.44
C LEU F 20 -1.96 22.19 -13.60
N THR F 21 -3.19 21.69 -13.70
CA THR F 21 -4.32 22.30 -13.03
C THR F 21 -5.06 21.28 -12.19
N VAL F 22 -5.23 21.58 -10.91
CA VAL F 22 -5.99 20.76 -9.96
C VAL F 22 -7.23 21.56 -9.58
N VAL F 23 -8.40 21.06 -9.94
CA VAL F 23 -9.66 21.63 -9.46
C VAL F 23 -10.14 20.75 -8.31
N ILE F 24 -10.12 21.31 -7.10
CA ILE F 24 -10.73 20.65 -5.96
C ILE F 24 -12.24 20.77 -6.12
N LEU F 25 -12.92 19.62 -6.25
CA LEU F 25 -14.36 19.60 -6.55
C LEU F 25 -15.17 19.53 -5.26
N GLU F 26 -15.07 18.41 -4.54
CA GLU F 26 -15.86 18.27 -3.32
C GLU F 26 -15.25 17.20 -2.44
N ALA F 27 -15.82 17.03 -1.26
CA ALA F 27 -15.43 15.98 -0.34
C ALA F 27 -16.68 15.47 0.36
N LYS F 28 -16.65 14.20 0.78
CA LYS F 28 -17.81 13.59 1.42
C LYS F 28 -17.36 12.65 2.53
N ASN F 29 -18.22 12.51 3.54
CA ASN F 29 -18.07 11.53 4.61
C ASN F 29 -16.81 11.78 5.44
N LEU F 30 -16.43 13.04 5.62
CA LEU F 30 -15.25 13.36 6.41
C LEU F 30 -15.44 12.95 7.86
N LYS F 31 -14.40 12.37 8.45
CA LYS F 31 -14.45 11.97 9.86
C LYS F 31 -14.32 13.20 10.75
N LYS F 32 -15.09 13.20 11.85
CA LYS F 32 -15.02 14.29 12.81
C LYS F 32 -13.80 14.14 13.70
N MET F 33 -13.00 15.21 13.79
CA MET F 33 -11.86 15.21 14.71
C MET F 33 -12.32 15.00 16.14
N ASP F 34 -13.26 15.81 16.59
CA ASP F 34 -13.85 15.73 17.91
C ASP F 34 -15.32 15.33 17.81
N VAL F 35 -15.84 14.78 18.88
CA VAL F 35 -17.26 14.45 18.97
C VAL F 35 -18.02 15.67 19.44
N GLY F 36 -19.28 15.78 19.00
CA GLY F 36 -20.15 16.86 19.42
C GLY F 36 -20.11 18.10 18.57
N GLY F 37 -19.01 18.36 17.86
CA GLY F 37 -18.91 19.48 16.95
C GLY F 37 -18.85 19.01 15.50
N LEU F 38 -18.82 19.99 14.60
CA LEU F 38 -18.59 19.73 13.19
C LEU F 38 -17.40 20.55 12.70
N SER F 39 -16.84 20.10 11.58
CA SER F 39 -15.56 20.61 11.10
C SER F 39 -15.73 21.85 10.22
N ASP F 40 -14.61 22.53 9.99
CA ASP F 40 -14.50 23.62 9.03
C ASP F 40 -13.49 23.22 7.97
N PRO F 41 -13.84 22.28 7.10
CA PRO F 41 -12.83 21.67 6.22
C PRO F 41 -12.27 22.65 5.20
N TYR F 42 -10.96 22.53 4.95
CA TYR F 42 -10.35 23.13 3.78
C TYR F 42 -9.30 22.15 3.25
N VAL F 43 -8.72 22.48 2.11
CA VAL F 43 -7.83 21.58 1.39
C VAL F 43 -6.52 22.29 1.08
N LYS F 44 -5.40 21.62 1.35
CA LYS F 44 -4.08 22.05 0.93
C LYS F 44 -3.63 21.24 -0.28
N ILE F 45 -2.96 21.91 -1.21
CA ILE F 45 -2.39 21.28 -2.39
C ILE F 45 -0.90 21.62 -2.41
N HIS F 46 -0.06 20.63 -2.11
CA HIS F 46 1.39 20.80 -2.18
C HIS F 46 1.89 20.17 -3.48
N LEU F 47 2.53 20.96 -4.34
CA LEU F 47 3.32 20.40 -5.41
C LEU F 47 4.73 20.14 -4.89
N MET F 48 5.25 18.95 -5.15
CA MET F 48 6.41 18.47 -4.43
C MET F 48 7.34 17.77 -5.40
N GLN F 49 8.65 17.92 -5.21
CA GLN F 49 9.61 17.22 -6.04
C GLN F 49 10.85 16.88 -5.22
N ASN F 50 11.33 15.65 -5.37
CA ASN F 50 12.50 15.17 -4.63
C ASN F 50 12.31 15.38 -3.13
N GLY F 51 11.08 15.20 -2.66
CA GLY F 51 10.76 15.36 -1.26
C GLY F 51 10.77 16.78 -0.75
N LYS F 52 10.91 17.77 -1.61
CA LYS F 52 10.91 19.17 -1.20
C LYS F 52 9.65 19.86 -1.72
N ARG F 53 9.12 20.77 -0.92
CA ARG F 53 7.85 21.42 -1.20
C ARG F 53 8.09 22.62 -2.10
N LEU F 54 7.53 22.56 -3.31
CA LEU F 54 7.73 23.62 -4.30
C LEU F 54 6.73 24.76 -4.08
N LYS F 55 5.47 24.54 -4.42
CA LYS F 55 4.41 25.51 -4.17
C LYS F 55 3.34 24.89 -3.29
N LYS F 56 2.71 25.72 -2.47
CA LYS F 56 1.62 25.29 -1.60
C LYS F 56 0.41 26.19 -1.85
N LYS F 57 -0.78 25.58 -1.85
CA LYS F 57 -2.00 26.31 -2.13
C LYS F 57 -3.11 25.79 -1.21
N LYS F 58 -4.12 26.62 -1.01
CA LYS F 58 -5.16 26.35 -0.03
C LYS F 58 -6.51 26.79 -0.58
N THR F 59 -7.54 25.99 -0.30
CA THR F 59 -8.89 26.40 -0.61
C THR F 59 -9.41 27.30 0.49
N THR F 60 -10.58 27.87 0.23
CA THR F 60 -11.32 28.58 1.26
C THR F 60 -11.87 27.58 2.28
N ILE F 61 -12.40 28.11 3.36
CA ILE F 61 -12.99 27.29 4.42
C ILE F 61 -14.49 27.20 4.18
N LYS F 62 -15.06 26.04 4.51
CA LYS F 62 -16.50 25.85 4.51
C LYS F 62 -16.88 25.43 5.93
N LYS F 63 -17.60 26.29 6.63
CA LYS F 63 -17.87 26.05 8.05
C LYS F 63 -18.97 25.01 8.23
N ASN F 64 -18.87 24.27 9.33
CA ASN F 64 -19.94 23.41 9.84
C ASN F 64 -20.46 22.45 8.76
N THR F 65 -19.56 21.61 8.25
CA THR F 65 -19.97 20.64 7.25
C THR F 65 -18.96 19.50 7.17
N LEU F 66 -19.46 18.29 6.91
CA LEU F 66 -18.63 17.13 6.61
C LEU F 66 -18.72 16.73 5.14
N ASN F 67 -19.41 17.52 4.31
CA ASN F 67 -19.59 17.22 2.90
C ASN F 67 -19.41 18.49 2.08
N PRO F 68 -18.21 19.08 2.12
CA PRO F 68 -18.05 20.40 1.51
C PRO F 68 -18.01 20.34 -0.01
N TYR F 69 -18.47 21.41 -0.64
CA TYR F 69 -18.32 21.62 -2.07
C TYR F 69 -17.43 22.85 -2.28
N TYR F 70 -16.42 22.70 -3.14
CA TYR F 70 -15.43 23.75 -3.35
C TYR F 70 -15.44 24.27 -4.78
N ASN F 71 -15.09 23.42 -5.74
CA ASN F 71 -14.88 23.83 -7.12
C ASN F 71 -13.92 25.01 -7.19
N GLU F 72 -12.72 24.81 -6.65
CA GLU F 72 -11.69 25.84 -6.69
C GLU F 72 -10.47 25.30 -7.43
N SER F 73 -10.01 26.07 -8.41
CA SER F 73 -8.99 25.64 -9.34
C SER F 73 -7.66 26.27 -8.98
N PHE F 74 -6.60 25.46 -8.99
CA PHE F 74 -5.23 25.92 -8.74
C PHE F 74 -4.33 25.40 -9.86
N SER F 75 -3.40 26.23 -10.29
CA SER F 75 -2.52 25.89 -11.40
C SER F 75 -1.07 26.04 -10.98
N PHE F 76 -0.23 25.11 -11.42
CA PHE F 76 1.21 25.14 -11.22
C PHE F 76 1.91 25.05 -12.57
N GLU F 77 3.03 25.74 -12.68
CA GLU F 77 3.80 25.83 -13.91
C GLU F 77 4.85 24.72 -13.88
N VAL F 78 4.60 23.63 -14.60
CA VAL F 78 5.49 22.47 -14.58
C VAL F 78 5.84 22.07 -16.01
N PRO F 79 7.10 22.22 -16.42
CA PRO F 79 7.51 21.82 -17.78
C PRO F 79 7.36 20.32 -18.00
N PHE F 80 7.26 19.96 -19.28
CA PHE F 80 6.97 18.58 -19.67
C PHE F 80 8.13 17.64 -19.37
N GLU F 81 9.37 18.15 -19.35
CA GLU F 81 10.49 17.30 -18.96
C GLU F 81 10.50 17.01 -17.47
N GLN F 82 9.72 17.76 -16.68
CA GLN F 82 9.67 17.62 -15.24
C GLN F 82 8.34 17.09 -14.72
N ILE F 83 7.30 17.11 -15.56
CA ILE F 83 5.95 16.72 -15.14
C ILE F 83 5.92 15.30 -14.58
N GLN F 84 6.82 14.42 -15.04
CA GLN F 84 6.83 13.04 -14.59
C GLN F 84 7.71 12.84 -13.37
N LYS F 85 8.21 13.92 -12.78
CA LYS F 85 9.06 13.85 -11.60
C LYS F 85 8.41 14.44 -10.35
N VAL F 86 7.19 14.92 -10.44
CA VAL F 86 6.56 15.66 -9.35
C VAL F 86 5.54 14.79 -8.64
N GLN F 87 5.04 15.26 -7.50
CA GLN F 87 3.96 14.65 -6.74
C GLN F 87 3.03 15.74 -6.27
N VAL F 88 1.72 15.52 -6.41
CA VAL F 88 0.71 16.44 -5.89
C VAL F 88 0.11 15.82 -4.65
N VAL F 89 0.21 16.53 -3.53
CA VAL F 89 -0.27 16.07 -2.23
C VAL F 89 -1.49 16.88 -1.84
N VAL F 90 -2.61 16.20 -1.63
CA VAL F 90 -3.90 16.81 -1.33
C VAL F 90 -4.25 16.44 0.11
N THR F 91 -4.42 17.45 0.97
CA THR F 91 -4.71 17.23 2.38
C THR F 91 -6.00 17.93 2.76
N VAL F 92 -6.84 17.24 3.53
CA VAL F 92 -8.07 17.82 4.06
C VAL F 92 -7.86 18.09 5.54
N LEU F 93 -8.07 19.34 5.95
CA LEU F 93 -7.79 19.77 7.31
C LEU F 93 -9.02 20.45 7.90
N ASP F 94 -9.05 20.47 9.23
CA ASP F 94 -10.10 21.14 10.00
C ASP F 94 -9.54 22.49 10.46
N TYR F 95 -10.04 23.57 9.87
CA TYR F 95 -9.60 24.91 10.23
C TYR F 95 -9.90 25.24 11.69
N ASP F 96 -10.87 24.56 12.30
CA ASP F 96 -11.18 24.81 13.70
C ASP F 96 -10.10 24.31 14.63
N LYS F 97 -9.28 23.36 14.17
CA LYS F 97 -8.19 22.81 14.97
C LYS F 97 -6.84 23.29 14.48
N ILE F 98 -6.80 24.39 13.73
CA ILE F 98 -5.53 24.94 13.26
C ILE F 98 -4.65 25.28 14.47
N GLY F 99 -3.36 24.97 14.35
CA GLY F 99 -2.44 25.12 15.46
C GLY F 99 -2.29 23.90 16.34
N LYS F 100 -3.13 22.89 16.18
CA LYS F 100 -2.94 21.59 16.82
C LYS F 100 -3.06 20.50 15.77
N ASN F 101 -3.59 19.33 16.11
CA ASN F 101 -3.71 18.24 15.15
C ASN F 101 -4.72 18.63 14.08
N ASP F 102 -4.22 18.96 12.89
CA ASP F 102 -5.04 19.53 11.84
C ASP F 102 -5.72 18.46 10.97
N ALA F 103 -4.94 17.50 10.48
CA ALA F 103 -5.31 16.75 9.29
C ALA F 103 -6.38 15.71 9.56
N ILE F 104 -7.40 15.68 8.72
CA ILE F 104 -8.36 14.58 8.68
C ILE F 104 -7.77 13.41 7.92
N GLY F 105 -7.31 13.67 6.70
CA GLY F 105 -6.73 12.66 5.84
C GLY F 105 -6.08 13.34 4.66
N LYS F 106 -5.38 12.55 3.86
CA LYS F 106 -4.66 13.10 2.73
C LYS F 106 -4.40 11.99 1.72
N VAL F 107 -3.91 12.39 0.55
CA VAL F 107 -3.67 11.48 -0.55
C VAL F 107 -2.63 12.15 -1.43
N PHE F 108 -1.99 11.39 -2.31
CA PHE F 108 -1.09 12.02 -3.26
C PHE F 108 -1.10 11.27 -4.57
N VAL F 109 -0.70 11.98 -5.62
CA VAL F 109 -0.76 11.53 -7.00
C VAL F 109 0.58 11.86 -7.66
N GLY F 110 0.91 11.10 -8.70
CA GLY F 110 2.15 11.35 -9.41
C GLY F 110 3.21 10.29 -9.17
N TYR F 111 4.47 10.72 -9.09
CA TYR F 111 5.59 9.79 -8.97
C TYR F 111 5.44 8.90 -7.75
N ASN F 112 5.62 7.60 -7.95
CA ASN F 112 5.46 6.57 -6.92
C ASN F 112 4.07 6.60 -6.29
N SER F 113 3.07 7.06 -7.03
CA SER F 113 1.70 6.90 -6.58
C SER F 113 1.21 5.50 -6.95
N THR F 114 0.17 5.06 -6.23
CA THR F 114 -0.32 3.70 -6.37
C THR F 114 -1.84 3.69 -6.40
N GLY F 115 -2.39 2.63 -7.00
CA GLY F 115 -3.83 2.41 -6.96
C GLY F 115 -4.61 3.43 -7.78
N ALA F 116 -5.76 3.85 -7.23
CA ALA F 116 -6.60 4.84 -7.89
C ALA F 116 -5.84 6.13 -8.15
N GLU F 117 -4.93 6.49 -7.24
CA GLU F 117 -4.13 7.70 -7.41
C GLU F 117 -3.26 7.62 -8.66
N LEU F 118 -2.55 6.49 -8.82
CA LEU F 118 -1.73 6.33 -10.01
C LEU F 118 -2.58 6.27 -11.27
N ARG F 119 -3.68 5.51 -11.25
CA ARG F 119 -4.49 5.44 -12.46
C ARG F 119 -5.09 6.80 -12.82
N HIS F 120 -5.30 7.67 -11.82
CA HIS F 120 -5.75 9.03 -12.10
C HIS F 120 -4.63 9.85 -12.76
N TRP F 121 -3.44 9.82 -12.16
CA TRP F 121 -2.29 10.51 -12.75
C TRP F 121 -2.08 10.11 -14.21
N SER F 122 -2.03 8.78 -14.43
CA SER F 122 -1.81 8.26 -15.77
C SER F 122 -2.96 8.64 -16.70
N ASP F 123 -4.20 8.64 -16.19
CA ASP F 123 -5.32 9.12 -17.00
C ASP F 123 -5.08 10.55 -17.46
N MET F 124 -4.62 11.41 -16.55
CA MET F 124 -4.31 12.78 -16.92
C MET F 124 -3.25 12.83 -18.03
N LEU F 125 -2.12 12.15 -17.82
CA LEU F 125 -1.04 12.23 -18.80
C LEU F 125 -1.41 11.57 -20.13
N ALA F 126 -2.37 10.65 -20.11
CA ALA F 126 -2.82 9.99 -21.34
C ALA F 126 -3.89 10.78 -22.08
N ASN F 127 -4.49 11.78 -21.42
CA ASN F 127 -5.51 12.63 -22.02
C ASN F 127 -5.07 14.09 -21.90
N PRO F 128 -4.06 14.50 -22.66
CA PRO F 128 -3.55 15.87 -22.52
C PRO F 128 -4.61 16.90 -22.87
N ARG F 129 -4.53 18.05 -22.20
CA ARG F 129 -5.48 19.15 -22.36
C ARG F 129 -6.91 18.73 -22.04
N ARG F 130 -7.09 17.71 -21.21
CA ARG F 130 -8.43 17.27 -20.85
C ARG F 130 -8.50 17.02 -19.34
N PRO F 131 -9.40 17.69 -18.62
CA PRO F 131 -9.51 17.44 -17.17
C PRO F 131 -10.26 16.15 -16.91
N ILE F 132 -9.65 15.28 -16.10
CA ILE F 132 -10.27 14.04 -15.64
C ILE F 132 -10.55 14.18 -14.15
N ALA F 133 -11.80 13.99 -13.76
CA ALA F 133 -12.19 14.06 -12.36
C ALA F 133 -12.28 12.66 -11.79
N GLN F 134 -11.84 12.52 -10.53
CA GLN F 134 -11.92 11.21 -9.90
C GLN F 134 -12.04 11.41 -8.38
N TRP F 135 -12.68 10.43 -7.75
CA TRP F 135 -12.77 10.30 -6.31
C TRP F 135 -11.55 9.60 -5.75
N HIS F 136 -11.32 9.80 -4.45
CA HIS F 136 -10.12 9.28 -3.80
C HIS F 136 -10.43 9.07 -2.33
N THR F 137 -10.15 7.87 -1.82
CA THR F 137 -10.28 7.63 -0.40
C THR F 137 -9.13 8.29 0.35
N LEU F 138 -9.45 9.12 1.33
CA LEU F 138 -8.43 9.75 2.14
C LEU F 138 -7.69 8.69 2.96
N GLN F 139 -6.39 8.87 3.11
CA GLN F 139 -5.55 7.97 3.88
C GLN F 139 -4.95 8.74 5.05
N VAL F 140 -4.64 8.02 6.14
CA VAL F 140 -4.15 8.68 7.34
C VAL F 140 -2.82 9.36 7.03
N GLU F 141 -2.58 10.51 7.67
CA GLU F 141 -1.46 11.34 7.23
C GLU F 141 -0.12 10.71 7.56
N GLU F 142 -0.04 9.90 8.61
CA GLU F 142 1.24 9.31 8.98
C GLU F 142 1.67 8.26 7.96
N GLU F 143 0.73 7.45 7.49
CA GLU F 143 1.04 6.48 6.44
C GLU F 143 1.51 7.19 5.17
N VAL F 144 0.77 8.21 4.75
CA VAL F 144 1.10 8.91 3.51
C VAL F 144 2.42 9.65 3.64
N ASP F 145 2.67 10.25 4.80
CA ASP F 145 3.94 10.94 5.03
C ASP F 145 5.10 9.96 5.00
N ALA F 146 4.93 8.78 5.58
CA ALA F 146 5.94 7.73 5.45
C ALA F 146 6.19 7.40 3.99
N MET F 147 5.12 7.24 3.21
CA MET F 147 5.28 6.97 1.78
C MET F 147 5.96 8.11 1.05
N LEU F 148 5.81 9.35 1.55
CA LEU F 148 6.34 10.52 0.89
C LEU F 148 7.78 10.84 1.29
N ALA F 149 8.25 10.30 2.41
CA ALA F 149 9.64 10.45 2.80
C ALA F 149 10.59 9.57 1.99
N VAL F 150 10.04 8.70 1.13
CA VAL F 150 10.83 7.70 0.41
C VAL F 150 11.15 8.18 -0.99
N LYS F 151 10.11 8.47 -1.78
CA LYS F 151 10.28 8.69 -3.21
C LYS F 151 10.59 10.15 -3.52
N LYS F 152 11.10 10.38 -4.72
CA LYS F 152 11.63 11.67 -5.12
C LYS F 152 10.78 12.33 -6.21
#